data_4OMY
#
_entry.id   4OMY
#
_cell.length_a   131.019
_cell.length_b   131.019
_cell.length_c   67.688
_cell.angle_alpha   90.00
_cell.angle_beta   90.00
_cell.angle_gamma   120.00
#
_symmetry.space_group_name_H-M   'P 31'
#
loop_
_entity.id
_entity.type
_entity.pdbx_description
1 polymer NolR
2 polymer 'DNA (5   -D(*TP*AP*TP*TP*AP*GP*AP*GP*AP*AP*CP*CP*CP*TP*GP*AP*AP*GP*TP*TP*AP*A)-3   )'
3 polymer 'DNA (5   -D(*TP*AP*AP*TP*CP*TP*CP*TP*TP*GP*GP*GP*AP*CP*TP*TP*CP*AP*AP*TP*TP*A)-3   )'
#
loop_
_entity_poly.entity_id
_entity_poly.type
_entity_poly.pdbx_seq_one_letter_code
_entity_poly.pdbx_strand_id
1 'polypeptide(L)'
;(MSE)EHA(MSE)QPLSPEKHEEAEIAAGFLSA(MSE)ANPKRLLILDSLVKEE(MSE)AVGALANKVGLSQSALSQHLS
KLRAQNLVSTRRDAQTIYYSSSSDSV(MSE)KILGALSEIYGAATSVVIEKPFVRKSA
;
A,B,C,D
2 'polydeoxyribonucleotide'
;(DT)(DA)(DT)(DT)(DA)(DG)(DA)(DG)(DA)(DA)(DC)(DC)(DC)(DT)(DG)(DA)(DA)(DG)(DT)(DT)
(DA)(DA)
;
E,G
3 'polydeoxyribonucleotide'
;(DA)(DT)(DT)(DA)(DA)(DC)(DT)(DT)(DC)(DA)(DG)(DG)(DG)(DT)(DT)(DC)(DT)(DC)(DT)(DA)
(DA)(DT)
;
F,H
#
# COMPACT_ATOMS: atom_id res chain seq x y z
N GLN A 6 -2.12 13.13 15.51
CA GLN A 6 -1.40 13.76 16.61
C GLN A 6 0.02 13.21 16.64
N PRO A 7 1.01 14.04 17.05
CA PRO A 7 2.39 13.63 16.78
C PRO A 7 2.81 12.37 17.50
N LEU A 8 3.93 11.81 17.07
CA LEU A 8 4.42 10.60 17.66
C LEU A 8 5.07 10.84 19.00
N SER A 9 4.83 9.90 19.90
CA SER A 9 5.37 9.98 21.23
C SER A 9 6.87 9.78 21.15
N PRO A 10 7.63 10.46 22.02
CA PRO A 10 9.10 10.33 22.10
C PRO A 10 9.63 8.88 22.14
N GLU A 11 8.88 7.94 22.73
CA GLU A 11 9.32 6.54 22.77
C GLU A 11 9.54 5.97 21.37
N LYS A 12 8.67 6.28 20.41
CA LYS A 12 8.94 5.72 19.09
C LYS A 12 9.95 6.58 18.35
N HIS A 13 10.23 7.78 18.86
CA HIS A 13 11.39 8.53 18.40
C HIS A 13 12.73 7.89 18.76
N GLU A 14 12.96 7.47 20.00
CA GLU A 14 14.27 6.88 20.18
C GLU A 14 14.27 5.37 19.76
N GLU A 15 13.14 4.63 19.79
CA GLU A 15 13.25 3.28 19.19
C GLU A 15 13.63 3.47 17.72
N ALA A 16 13.08 4.48 17.07
CA ALA A 16 13.49 4.76 15.70
C ALA A 16 14.97 5.14 15.68
N GLU A 17 15.41 5.91 16.68
CA GLU A 17 16.80 6.31 16.78
C GLU A 17 17.73 5.11 16.83
N ILE A 18 17.38 4.14 17.66
CA ILE A 18 18.16 2.92 17.90
C ILE A 18 18.21 2.00 16.71
N ALA A 19 17.03 1.80 16.12
CA ALA A 19 16.94 1.07 14.88
C ALA A 19 17.82 1.74 13.81
N ALA A 20 17.75 3.06 13.76
CA ALA A 20 18.46 3.80 12.74
C ALA A 20 19.98 3.74 12.98
N GLY A 21 20.39 3.74 14.24
CA GLY A 21 21.80 3.59 14.54
C GLY A 21 22.31 2.23 14.06
N PHE A 22 21.56 1.19 14.38
CA PHE A 22 21.80 -0.14 13.85
C PHE A 22 21.95 -0.20 12.30
N LEU A 23 20.98 0.35 11.62
CA LEU A 23 21.00 0.33 10.16
C LEU A 23 22.16 1.12 9.58
N SER A 24 22.36 2.34 10.11
CA SER A 24 23.50 3.17 9.74
C SER A 24 24.77 2.36 9.91
N ALA A 25 24.85 1.56 10.97
CA ALA A 25 25.99 0.66 11.17
C ALA A 25 26.18 -0.30 9.98
N ALA A 27 24.73 0.21 6.88
CA ALA A 27 24.32 0.92 5.65
C ALA A 27 25.49 1.49 4.86
N ASN A 28 26.38 0.58 4.47
CA ASN A 28 27.58 0.92 3.73
C ASN A 28 28.08 -0.33 2.99
N PRO A 29 28.38 -0.18 1.70
CA PRO A 29 28.76 -1.32 0.85
C PRO A 29 29.91 -2.18 1.40
N LYS A 30 31.06 -1.58 1.69
CA LYS A 30 32.18 -2.40 2.16
C LYS A 30 31.78 -3.05 3.48
N ARG A 31 31.04 -2.32 4.31
CA ARG A 31 30.64 -2.85 5.61
C ARG A 31 29.66 -4.03 5.51
N LEU A 32 28.84 -4.04 4.47
CA LEU A 32 27.96 -5.17 4.19
C LEU A 32 28.76 -6.37 3.67
N LEU A 33 29.74 -6.12 2.80
CA LEU A 33 30.62 -7.19 2.36
C LEU A 33 31.28 -7.87 3.57
N ILE A 34 31.79 -7.01 4.46
CA ILE A 34 32.39 -7.43 5.71
C ILE A 34 31.45 -8.28 6.54
N LEU A 35 30.25 -7.77 6.82
CA LEU A 35 29.33 -8.49 7.68
C LEU A 35 28.98 -9.84 7.05
N ASP A 36 28.79 -9.87 5.73
CA ASP A 36 28.47 -11.14 5.09
C ASP A 36 29.58 -12.18 5.30
N SER A 37 30.81 -11.79 4.95
CA SER A 37 31.94 -12.71 5.10
C SER A 37 32.11 -13.16 6.55
N LEU A 38 32.00 -12.25 7.51
CA LEU A 38 32.17 -12.57 8.93
C LEU A 38 31.01 -13.31 9.60
N VAL A 39 29.84 -13.21 9.02
CA VAL A 39 28.68 -13.86 9.61
C VAL A 39 28.86 -15.31 9.21
N LYS A 40 29.59 -15.56 8.11
CA LYS A 40 29.68 -16.98 7.72
C LYS A 40 31.03 -17.68 7.89
N GLU A 41 32.05 -16.93 8.30
CA GLU A 41 33.29 -17.51 8.79
C GLU A 41 34.18 -16.48 9.46
N GLU A 42 34.81 -16.90 10.55
CA GLU A 42 35.87 -16.15 11.23
C GLU A 42 37.05 -15.95 10.31
N ALA A 44 40.96 -13.51 10.02
CA ALA A 44 41.89 -12.47 10.37
C ALA A 44 41.68 -11.19 9.56
N VAL A 45 42.10 -10.08 10.15
CA VAL A 45 41.84 -8.78 9.59
C VAL A 45 42.56 -8.58 8.25
N GLY A 46 43.77 -9.12 8.11
CA GLY A 46 44.51 -8.96 6.87
C GLY A 46 43.83 -9.66 5.72
N ALA A 47 43.44 -10.92 5.97
CA ALA A 47 42.67 -11.69 5.01
C ALA A 47 41.38 -10.96 4.61
N LEU A 48 40.73 -10.35 5.58
CA LEU A 48 39.50 -9.60 5.35
C LEU A 48 39.72 -8.38 4.43
N ALA A 49 40.75 -7.62 4.75
CA ALA A 49 41.10 -6.45 3.97
C ALA A 49 41.42 -6.85 2.54
N ASN A 50 42.04 -8.02 2.36
CA ASN A 50 42.34 -8.40 1.00
C ASN A 50 41.11 -8.98 0.30
N LYS A 51 40.15 -9.45 1.08
CA LYS A 51 38.94 -10.00 0.50
C LYS A 51 37.98 -8.92 0.03
N VAL A 52 37.85 -7.85 0.82
CA VAL A 52 36.88 -6.80 0.50
C VAL A 52 37.52 -5.57 -0.16
N GLY A 53 38.82 -5.67 -0.46
CA GLY A 53 39.54 -4.59 -1.11
C GLY A 53 39.66 -3.30 -0.31
N LEU A 54 40.19 -3.41 0.89
CA LEU A 54 40.39 -2.24 1.73
C LEU A 54 41.82 -2.21 2.29
N SER A 55 42.35 -1.00 2.41
CA SER A 55 43.63 -0.82 3.06
C SER A 55 43.43 -1.21 4.51
N GLN A 56 44.51 -1.53 5.21
CA GLN A 56 44.39 -2.03 6.58
C GLN A 56 43.74 -1.03 7.52
N SER A 57 44.17 0.23 7.43
CA SER A 57 43.60 1.30 8.26
C SER A 57 42.09 1.52 7.97
N ALA A 58 41.73 1.62 6.69
CA ALA A 58 40.32 1.73 6.28
C ALA A 58 39.45 0.68 6.94
N LEU A 59 39.86 -0.58 6.77
CA LEU A 59 39.16 -1.74 7.30
C LEU A 59 39.08 -1.68 8.82
N SER A 60 40.16 -1.26 9.46
CA SER A 60 40.16 -1.21 10.92
C SER A 60 39.07 -0.25 11.36
N GLN A 61 38.95 0.86 10.66
CA GLN A 61 37.94 1.87 11.02
C GLN A 61 36.50 1.36 10.87
N HIS A 62 36.25 0.69 9.76
CA HIS A 62 34.94 0.07 9.53
C HIS A 62 34.59 -0.94 10.63
N LEU A 63 35.56 -1.79 10.93
CA LEU A 63 35.37 -2.77 12.00
C LEU A 63 35.12 -2.08 13.32
N SER A 64 35.75 -0.92 13.52
CA SER A 64 35.53 -0.17 14.76
C SER A 64 34.07 0.27 14.86
N LYS A 65 33.49 0.60 13.72
CA LYS A 65 32.12 1.08 13.70
C LYS A 65 31.15 -0.10 14.00
N LEU A 66 31.55 -1.26 13.49
CA LEU A 66 30.79 -2.49 13.69
C LEU A 66 30.79 -2.93 15.16
N ARG A 67 31.97 -2.89 15.75
CA ARG A 67 32.14 -3.17 17.17
C ARG A 67 31.37 -2.14 17.99
N ALA A 68 31.33 -0.91 17.51
CA ALA A 68 30.61 0.15 18.19
C ALA A 68 29.15 -0.24 18.34
N GLN A 69 28.59 -0.89 17.33
CA GLN A 69 27.19 -1.30 17.46
C GLN A 69 26.97 -2.71 17.97
N ASN A 70 28.06 -3.37 18.41
CA ASN A 70 28.04 -4.75 18.93
C ASN A 70 27.56 -5.75 17.88
N LEU A 71 28.09 -5.63 16.68
CA LEU A 71 27.64 -6.45 15.56
C LEU A 71 28.66 -7.52 15.21
N VAL A 72 29.82 -7.43 15.84
CA VAL A 72 30.91 -8.41 15.62
C VAL A 72 31.59 -8.72 16.95
N SER A 73 32.17 -9.90 17.06
CA SER A 73 33.07 -10.23 18.17
C SER A 73 34.51 -10.49 17.66
N THR A 74 35.46 -10.60 18.61
CA THR A 74 36.88 -10.68 18.28
C THR A 74 37.51 -11.75 19.12
N ARG A 75 38.56 -12.38 18.58
CA ARG A 75 39.28 -13.40 19.35
C ARG A 75 40.76 -13.22 19.11
N ARG A 76 41.56 -13.43 20.13
CA ARG A 76 42.96 -13.14 19.94
C ARG A 76 43.81 -14.41 19.92
N ASP A 77 44.60 -14.55 18.86
CA ASP A 77 45.60 -15.58 18.83
C ASP A 77 46.94 -14.91 18.66
N ALA A 78 47.61 -14.67 19.78
CA ALA A 78 48.87 -13.95 19.79
C ALA A 78 48.81 -12.59 19.10
N GLN A 79 49.57 -12.46 18.01
CA GLN A 79 49.63 -11.24 17.23
C GLN A 79 48.32 -10.98 16.46
N THR A 80 47.67 -12.05 16.03
CA THR A 80 46.52 -11.96 15.10
C THR A 80 45.16 -11.84 15.82
N ILE A 81 44.26 -11.03 15.28
CA ILE A 81 42.88 -10.90 15.79
C ILE A 81 41.87 -11.44 14.76
N TYR A 82 41.04 -12.36 15.21
CA TYR A 82 40.05 -12.98 14.36
C TYR A 82 38.67 -12.41 14.61
N TYR A 83 38.10 -11.79 13.59
CA TYR A 83 36.75 -11.28 13.70
C TYR A 83 35.66 -12.28 13.28
N SER A 84 34.49 -12.18 13.92
CA SER A 84 33.31 -12.95 13.50
C SER A 84 32.00 -12.24 13.89
N SER A 85 30.84 -12.78 13.50
CA SER A 85 29.60 -12.21 13.99
C SER A 85 28.48 -13.18 14.40
N SER A 86 27.86 -12.93 15.57
CA SER A 86 26.65 -13.67 15.97
C SER A 86 25.48 -12.79 16.40
N SER A 87 25.56 -11.47 16.15
CA SER A 87 24.38 -10.63 16.35
C SER A 87 23.47 -11.08 15.22
N ASP A 88 22.29 -11.60 15.57
CA ASP A 88 21.44 -12.15 14.53
C ASP A 88 20.50 -11.05 14.06
N SER A 89 20.55 -9.89 14.71
CA SER A 89 19.91 -8.70 14.13
C SER A 89 20.42 -8.59 12.71
N VAL A 90 21.75 -8.69 12.64
CA VAL A 90 22.48 -8.66 11.40
C VAL A 90 21.88 -9.64 10.42
N LYS A 92 19.23 -11.33 10.30
CA LYS A 92 17.87 -11.03 9.85
C LYS A 92 17.89 -10.02 8.70
N ILE A 93 18.72 -8.99 8.85
CA ILE A 93 18.80 -7.99 7.80
C ILE A 93 19.40 -8.50 6.49
N LEU A 94 20.45 -9.32 6.59
CA LEU A 94 21.04 -9.94 5.41
C LEU A 94 20.07 -10.89 4.75
N GLY A 95 19.28 -11.57 5.56
CA GLY A 95 18.28 -12.48 5.02
C GLY A 95 17.28 -11.70 4.21
N ALA A 96 16.74 -10.64 4.80
CA ALA A 96 15.80 -9.76 4.12
C ALA A 96 16.38 -9.24 2.80
N LEU A 97 17.62 -8.81 2.88
CA LEU A 97 18.29 -8.24 1.74
C LEU A 97 18.43 -9.25 0.58
N SER A 98 18.88 -10.46 0.89
CA SER A 98 19.03 -11.50 -0.13
C SER A 98 17.65 -11.88 -0.71
N GLU A 99 16.61 -11.86 0.14
CA GLU A 99 15.24 -12.04 -0.35
C GLU A 99 14.88 -11.01 -1.41
N ILE A 100 15.28 -9.77 -1.14
CA ILE A 100 15.04 -8.66 -2.06
C ILE A 100 15.80 -8.77 -3.39
N TYR A 101 17.12 -9.02 -3.35
CA TYR A 101 17.91 -9.04 -4.58
C TYR A 101 18.24 -10.43 -5.15
N GLY A 102 17.97 -11.49 -4.39
CA GLY A 102 18.18 -12.86 -4.83
C GLY A 102 17.67 -13.21 -6.22
N GLN B 6 41.62 -15.26 -2.11
CA GLN B 6 41.04 -14.58 -3.26
C GLN B 6 40.06 -13.47 -2.84
N PRO B 7 40.16 -12.30 -3.49
CA PRO B 7 39.28 -11.13 -3.29
C PRO B 7 37.85 -11.36 -3.74
N LEU B 8 36.95 -10.48 -3.33
CA LEU B 8 35.56 -10.54 -3.78
C LEU B 8 35.47 -9.95 -5.17
N SER B 9 34.63 -10.57 -6.00
CA SER B 9 34.50 -10.13 -7.39
C SER B 9 33.84 -8.76 -7.41
N PRO B 10 34.19 -7.93 -8.40
CA PRO B 10 33.65 -6.57 -8.54
C PRO B 10 32.12 -6.48 -8.42
N GLU B 11 31.43 -7.53 -8.87
CA GLU B 11 29.97 -7.57 -8.82
C GLU B 11 29.46 -7.51 -7.38
N LYS B 12 30.01 -8.26 -6.41
CA LYS B 12 29.45 -8.12 -5.07
C LYS B 12 29.86 -6.80 -4.50
N HIS B 13 30.81 -6.10 -5.13
CA HIS B 13 31.07 -4.71 -4.75
C HIS B 13 29.85 -3.89 -5.11
N GLU B 14 29.31 -4.04 -6.32
CA GLU B 14 28.11 -3.22 -6.54
C GLU B 14 26.73 -3.77 -6.12
N GLU B 15 26.47 -5.08 -6.03
CA GLU B 15 25.22 -5.45 -5.37
C GLU B 15 25.31 -4.94 -3.93
N ALA B 16 26.51 -4.99 -3.32
CA ALA B 16 26.65 -4.40 -1.98
C ALA B 16 26.37 -2.90 -2.03
N GLU B 17 26.89 -2.20 -3.06
CA GLU B 17 26.60 -0.77 -3.21
C GLU B 17 25.10 -0.49 -3.38
N ILE B 18 24.41 -1.30 -4.16
CA ILE B 18 22.97 -1.10 -4.38
C ILE B 18 22.10 -1.33 -3.14
N ALA B 19 22.37 -2.45 -2.48
CA ALA B 19 21.76 -2.76 -1.20
C ALA B 19 22.04 -1.64 -0.22
N ALA B 20 23.26 -1.13 -0.25
CA ALA B 20 23.69 -0.12 0.70
C ALA B 20 23.02 1.20 0.44
N GLY B 21 22.81 1.53 -0.83
CA GLY B 21 22.09 2.73 -1.18
C GLY B 21 20.67 2.64 -0.67
N PHE B 22 20.06 1.50 -0.94
CA PHE B 22 18.75 1.18 -0.41
C PHE B 22 18.63 1.39 1.08
N LEU B 23 19.52 0.77 1.82
CA LEU B 23 19.56 0.82 3.27
C LEU B 23 19.85 2.22 3.82
N SER B 24 20.82 2.90 3.24
CA SER B 24 21.10 4.27 3.59
C SER B 24 19.83 5.10 3.46
N ALA B 25 19.07 4.88 2.39
CA ALA B 25 17.83 5.61 2.18
C ALA B 25 16.90 5.50 3.38
N ALA B 27 18.06 4.70 6.59
CA ALA B 27 18.89 4.58 7.79
C ALA B 27 18.99 5.90 8.55
N ASN B 28 17.85 6.43 8.96
CA ASN B 28 17.74 7.73 9.61
C ASN B 28 16.45 7.65 10.39
N PRO B 29 16.48 8.00 11.68
CA PRO B 29 15.31 7.80 12.54
C PRO B 29 13.99 8.37 11.96
N LYS B 30 14.00 9.64 11.62
CA LYS B 30 12.77 10.29 11.14
C LYS B 30 12.33 9.64 9.82
N ARG B 31 13.28 9.25 8.99
CA ARG B 31 12.95 8.57 7.76
C ARG B 31 12.28 7.18 7.99
N LEU B 32 12.59 6.49 9.11
CA LEU B 32 11.85 5.26 9.45
C LEU B 32 10.46 5.53 10.00
N LEU B 33 10.32 6.56 10.84
CA LEU B 33 9.01 6.97 11.31
C LEU B 33 8.10 7.25 10.10
N ILE B 34 8.68 8.02 9.19
CA ILE B 34 8.06 8.33 7.92
C ILE B 34 7.71 7.08 7.18
N LEU B 35 8.69 6.21 6.97
CA LEU B 35 8.40 5.07 6.12
C LEU B 35 7.31 4.24 6.71
N ASP B 36 7.30 4.05 8.01
CA ASP B 36 6.28 3.22 8.67
C ASP B 36 4.85 3.76 8.43
N SER B 37 4.76 5.04 8.77
CA SER B 37 3.54 5.80 8.64
C SER B 37 3.03 5.69 7.19
N LEU B 38 3.93 5.82 6.23
CA LEU B 38 3.55 5.71 4.82
C LEU B 38 3.31 4.27 4.35
N VAL B 39 3.75 3.29 5.14
CA VAL B 39 3.80 1.91 4.65
C VAL B 39 2.44 1.40 4.56
N LYS B 40 1.55 1.90 5.39
CA LYS B 40 0.27 2.12 4.66
C LYS B 40 -0.85 2.93 5.24
N GLU B 41 -0.76 4.18 4.85
CA GLU B 41 -1.85 5.10 4.88
C GLU B 41 -1.34 6.23 4.04
N GLU B 42 -2.19 6.69 3.16
CA GLU B 42 -1.92 7.91 2.45
C GLU B 42 -1.94 9.02 3.48
N ALA B 44 -0.99 13.53 3.74
CA ALA B 44 -0.46 14.79 3.24
C ALA B 44 0.94 15.10 3.74
N VAL B 45 1.66 15.89 2.96
CA VAL B 45 3.04 16.15 3.32
C VAL B 45 3.06 16.91 4.63
N GLY B 46 2.12 17.84 4.79
CA GLY B 46 2.05 18.62 6.01
C GLY B 46 1.71 17.76 7.21
N ALA B 47 0.74 16.86 7.03
CA ALA B 47 0.33 15.93 8.08
C ALA B 47 1.50 15.09 8.59
N LEU B 48 2.29 14.62 7.65
CA LEU B 48 3.47 13.84 7.97
C LEU B 48 4.43 14.67 8.79
N ALA B 49 4.62 15.91 8.33
CA ALA B 49 5.53 16.81 8.99
C ALA B 49 5.11 17.03 10.43
N ASN B 50 3.80 17.05 10.70
CA ASN B 50 3.41 17.23 12.09
C ASN B 50 3.49 15.95 12.88
N LYS B 51 3.44 14.80 12.20
CA LYS B 51 3.49 13.54 12.94
C LYS B 51 4.90 13.17 13.40
N VAL B 52 5.90 13.47 12.57
CA VAL B 52 7.27 13.09 12.91
C VAL B 52 8.06 14.31 13.45
N GLY B 53 7.38 15.44 13.62
CA GLY B 53 8.04 16.63 14.13
C GLY B 53 9.16 17.13 13.23
N LEU B 54 8.84 17.41 11.97
CA LEU B 54 9.82 17.90 11.01
C LEU B 54 9.26 19.13 10.27
N SER B 55 10.12 20.10 9.93
CA SER B 55 9.65 21.25 9.17
C SER B 55 9.14 20.81 7.80
N GLN B 56 8.38 21.67 7.16
CA GLN B 56 7.77 21.31 5.88
C GLN B 56 8.93 21.03 4.90
N SER B 57 9.92 21.92 4.94
CA SER B 57 11.11 21.81 4.10
C SER B 57 12.02 20.59 4.37
N ALA B 58 12.38 20.37 5.63
CA ALA B 58 13.15 19.20 6.05
C ALA B 58 12.51 17.92 5.52
N LEU B 59 11.22 17.77 5.82
CA LEU B 59 10.46 16.60 5.40
C LEU B 59 10.44 16.44 3.90
N SER B 60 10.28 17.54 3.17
CA SER B 60 10.23 17.40 1.73
C SER B 60 11.54 16.78 1.27
N GLN B 61 12.63 17.22 1.89
CA GLN B 61 13.94 16.67 1.55
C GLN B 61 14.08 15.19 1.88
N HIS B 62 13.62 14.78 3.05
CA HIS B 62 13.65 13.37 3.40
C HIS B 62 12.85 12.53 2.39
N LEU B 63 11.66 13.01 2.06
CA LEU B 63 10.81 12.31 1.10
C LEU B 63 11.51 12.23 -0.27
N SER B 64 12.25 13.26 -0.61
CA SER B 64 13.01 13.19 -1.83
C SER B 64 14.07 12.10 -1.77
N LYS B 65 14.63 11.88 -0.59
CA LYS B 65 15.71 10.91 -0.53
C LYS B 65 15.09 9.52 -0.67
N LEU B 66 13.87 9.41 -0.17
CA LEU B 66 13.07 8.20 -0.31
C LEU B 66 12.67 7.91 -1.75
N ARG B 67 12.24 8.97 -2.44
CA ARG B 67 11.88 8.87 -3.84
C ARG B 67 13.08 8.46 -4.64
N ALA B 68 14.23 8.91 -4.18
CA ALA B 68 15.47 8.66 -4.87
C ALA B 68 15.69 7.18 -5.01
N GLN B 69 15.30 6.44 -3.98
CA GLN B 69 15.45 5.00 -4.01
C GLN B 69 14.18 4.23 -4.43
N ASN B 70 13.16 4.98 -4.85
CA ASN B 70 11.89 4.43 -5.30
C ASN B 70 11.13 3.73 -4.20
N LEU B 71 11.10 4.40 -3.06
CA LEU B 71 10.55 3.79 -1.89
C LEU B 71 9.16 4.29 -1.56
N VAL B 72 8.69 5.31 -2.28
CA VAL B 72 7.36 5.84 -2.02
C VAL B 72 6.61 6.19 -3.29
N SER B 73 5.29 6.11 -3.23
CA SER B 73 4.44 6.55 -4.32
C SER B 73 3.64 7.76 -3.89
N THR B 74 3.04 8.46 -4.87
CA THR B 74 2.30 9.69 -4.59
C THR B 74 1.10 9.91 -5.49
N ARG B 75 0.12 10.64 -4.97
CA ARG B 75 -1.03 11.08 -5.77
C ARG B 75 -1.39 12.53 -5.43
N ARG B 76 -1.86 13.27 -6.43
CA ARG B 76 -2.11 14.68 -6.26
C ARG B 76 -3.60 15.00 -6.19
N ASP B 77 -4.00 15.71 -5.13
CA ASP B 77 -5.37 16.22 -4.99
C ASP B 77 -5.26 17.74 -4.86
N ALA B 78 -5.44 18.43 -5.99
CA ALA B 78 -5.18 19.86 -6.14
C ALA B 78 -3.74 20.22 -5.73
N GLN B 79 -3.64 21.10 -4.73
CA GLN B 79 -2.36 21.49 -4.19
C GLN B 79 -1.71 20.40 -3.35
N THR B 80 -2.54 19.52 -2.77
CA THR B 80 -2.09 18.56 -1.76
C THR B 80 -1.45 17.35 -2.41
N ILE B 81 -0.36 16.87 -1.83
CA ILE B 81 0.28 15.66 -2.30
C ILE B 81 0.20 14.55 -1.26
N TYR B 82 -0.38 13.42 -1.65
CA TYR B 82 -0.50 12.30 -0.74
C TYR B 82 0.53 11.25 -1.03
N TYR B 83 1.41 11.07 -0.07
CA TYR B 83 2.45 10.08 -0.13
C TYR B 83 1.97 8.75 0.45
N SER B 84 2.51 7.66 -0.05
CA SER B 84 2.31 6.37 0.56
C SER B 84 3.55 5.56 0.25
N SER B 85 3.65 4.37 0.80
CA SER B 85 4.69 3.44 0.38
C SER B 85 4.10 2.06 0.13
N SER B 86 4.48 1.51 -1.01
CA SER B 86 4.08 0.16 -1.36
C SER B 86 5.32 -0.61 -1.78
N SER B 87 6.49 -0.06 -1.48
CA SER B 87 7.72 -0.78 -1.78
C SER B 87 7.78 -1.91 -0.80
N ASP B 88 7.86 -3.14 -1.29
CA ASP B 88 7.81 -4.23 -0.34
C ASP B 88 9.16 -4.46 0.29
N SER B 89 10.21 -4.04 -0.41
CA SER B 89 11.56 -4.03 0.14
C SER B 89 11.52 -3.32 1.47
N VAL B 90 10.93 -2.13 1.43
CA VAL B 90 10.76 -1.29 2.60
C VAL B 90 10.19 -2.06 3.74
N LYS B 92 9.64 -5.32 4.24
CA LYS B 92 10.30 -6.49 4.80
C LYS B 92 11.45 -6.07 5.70
N ILE B 93 12.13 -4.96 5.37
CA ILE B 93 13.13 -4.47 6.31
C ILE B 93 12.40 -4.01 7.60
N LEU B 94 11.22 -3.48 7.43
CA LEU B 94 10.41 -3.15 8.58
C LEU B 94 10.03 -4.40 9.39
N GLY B 95 9.77 -5.49 8.69
CA GLY B 95 9.46 -6.77 9.31
C GLY B 95 10.62 -7.24 10.17
N ALA B 96 11.81 -7.23 9.58
CA ALA B 96 13.03 -7.58 10.29
C ALA B 96 13.15 -6.74 11.54
N LEU B 97 12.94 -5.44 11.38
CA LEU B 97 13.07 -4.54 12.51
C LEU B 97 12.12 -4.86 13.65
N SER B 98 10.86 -5.12 13.31
CA SER B 98 9.90 -5.45 14.36
C SER B 98 10.29 -6.77 15.04
N GLU B 99 10.74 -7.74 14.24
CA GLU B 99 11.18 -9.04 14.78
C GLU B 99 12.32 -8.87 15.76
N ILE B 100 13.23 -7.98 15.42
CA ILE B 100 14.35 -7.70 16.29
C ILE B 100 13.89 -7.04 17.59
N TYR B 101 13.08 -5.98 17.49
CA TYR B 101 12.73 -5.22 18.70
C TYR B 101 11.37 -5.49 19.36
N GLY B 102 10.83 -6.70 19.18
CA GLY B 102 9.59 -7.08 19.84
C GLY B 102 8.34 -7.06 18.97
N GLN C 6 2.61 -14.15 -14.65
CA GLN C 6 1.56 -14.90 -15.34
C GLN C 6 0.19 -14.31 -14.98
N PRO C 7 -0.74 -14.28 -15.95
CA PRO C 7 -2.02 -13.58 -15.81
C PRO C 7 -2.95 -14.27 -14.81
N LEU C 8 -4.04 -13.59 -14.47
CA LEU C 8 -5.01 -14.13 -13.54
C LEU C 8 -5.87 -15.24 -14.13
N SER C 9 -6.23 -16.19 -13.27
CA SER C 9 -7.00 -17.35 -13.68
C SER C 9 -8.39 -16.93 -14.14
N PRO C 10 -8.95 -17.67 -15.11
CA PRO C 10 -10.32 -17.42 -15.60
C PRO C 10 -11.28 -17.30 -14.43
N GLU C 11 -10.98 -18.07 -13.39
CA GLU C 11 -11.77 -18.10 -12.17
C GLU C 11 -11.88 -16.74 -11.44
N LYS C 12 -10.78 -16.01 -11.27
CA LYS C 12 -10.90 -14.72 -10.58
C LYS C 12 -11.42 -13.67 -11.53
N HIS C 13 -11.38 -14.00 -12.82
CA HIS C 13 -12.14 -13.24 -13.79
C HIS C 13 -13.65 -13.33 -13.58
N GLU C 14 -14.22 -14.51 -13.35
CA GLU C 14 -15.68 -14.50 -13.14
C GLU C 14 -16.07 -14.11 -11.70
N GLU C 15 -15.21 -14.36 -10.71
CA GLU C 15 -15.47 -13.81 -9.37
C GLU C 15 -15.59 -12.30 -9.49
N ALA C 16 -14.68 -11.71 -10.28
CA ALA C 16 -14.69 -10.27 -10.54
C ALA C 16 -15.92 -9.85 -11.33
N GLU C 17 -16.32 -10.70 -12.28
CA GLU C 17 -17.47 -10.45 -13.12
C GLU C 17 -18.70 -10.28 -12.22
N ILE C 18 -18.84 -11.20 -11.26
CA ILE C 18 -19.99 -11.25 -10.35
C ILE C 18 -20.03 -10.10 -9.34
N ALA C 19 -18.89 -9.86 -8.70
CA ALA C 19 -18.76 -8.70 -7.83
C ALA C 19 -19.11 -7.42 -8.60
N ALA C 20 -18.66 -7.37 -9.86
CA ALA C 20 -18.87 -6.21 -10.69
C ALA C 20 -20.34 -6.06 -11.09
N GLY C 21 -21.01 -7.17 -11.32
CA GLY C 21 -22.44 -7.10 -11.62
C GLY C 21 -23.24 -6.58 -10.44
N PHE C 22 -22.94 -7.16 -9.27
CA PHE C 22 -23.46 -6.72 -7.99
C PHE C 22 -23.28 -5.21 -7.75
N LEU C 23 -22.04 -4.74 -7.88
CA LEU C 23 -21.73 -3.32 -7.68
C LEU C 23 -22.34 -2.40 -8.73
N SER C 24 -22.25 -2.84 -9.98
CA SER C 24 -22.87 -2.14 -11.09
C SER C 24 -24.32 -1.89 -10.74
N ALA C 25 -24.97 -2.91 -10.14
CA ALA C 25 -26.36 -2.81 -9.68
C ALA C 25 -26.64 -1.67 -8.69
N ALA C 27 -24.45 1.07 -8.27
CA ALA C 27 -23.51 2.16 -8.49
C ALA C 27 -24.20 3.32 -9.22
N ASN C 28 -25.27 3.81 -8.62
CA ASN C 28 -26.09 4.86 -9.21
C ASN C 28 -26.77 5.57 -8.08
N PRO C 29 -26.68 6.91 -8.07
CA PRO C 29 -27.11 7.73 -6.93
C PRO C 29 -28.52 7.42 -6.46
N LYS C 30 -29.48 7.49 -7.38
CA LYS C 30 -30.87 7.24 -7.00
C LYS C 30 -31.06 5.81 -6.53
N ARG C 31 -30.36 4.87 -7.14
CA ARG C 31 -30.48 3.49 -6.71
C ARG C 31 -29.95 3.29 -5.27
N LEU C 32 -28.96 4.08 -4.86
CA LEU C 32 -28.51 4.04 -3.46
C LEU C 32 -29.53 4.68 -2.54
N LEU C 33 -30.13 5.79 -2.96
CA LEU C 33 -31.21 6.39 -2.19
C LEU C 33 -32.33 5.38 -1.95
N ILE C 34 -32.70 4.71 -3.03
CA ILE C 34 -33.70 3.67 -3.01
C ILE C 34 -33.33 2.63 -1.98
N LEU C 35 -32.10 2.14 -2.09
CA LEU C 35 -31.67 1.04 -1.25
C LEU C 35 -31.65 1.37 0.23
N ASP C 36 -31.12 2.53 0.62
CA ASP C 36 -31.13 2.83 2.06
C ASP C 36 -32.58 2.95 2.55
N SER C 37 -33.43 3.62 1.74
CA SER C 37 -34.84 3.73 2.11
C SER C 37 -35.51 2.36 2.32
N LEU C 38 -35.20 1.39 1.46
CA LEU C 38 -35.78 0.05 1.55
C LEU C 38 -35.14 -0.79 2.66
N VAL C 39 -33.97 -0.38 3.11
CA VAL C 39 -33.28 -1.10 4.15
C VAL C 39 -33.91 -0.72 5.47
N LYS C 40 -34.44 0.50 5.55
CA LYS C 40 -34.94 0.94 6.84
C LYS C 40 -36.46 0.97 6.94
N GLU C 41 -37.14 0.87 5.80
CA GLU C 41 -38.58 0.61 5.84
C GLU C 41 -39.16 0.13 4.51
N GLU C 42 -40.09 -0.81 4.60
CA GLU C 42 -40.92 -1.24 3.48
C GLU C 42 -41.80 -0.13 2.94
N ALA C 44 -44.46 1.22 -0.75
CA ALA C 44 -45.00 1.23 -2.11
C ALA C 44 -44.14 2.05 -3.06
N VAL C 45 -44.20 1.75 -4.35
CA VAL C 45 -43.31 2.41 -5.30
C VAL C 45 -43.62 3.90 -5.48
N GLY C 46 -44.89 4.29 -5.38
CA GLY C 46 -45.25 5.70 -5.58
C GLY C 46 -44.63 6.57 -4.51
N ALA C 47 -44.75 6.11 -3.27
CA ALA C 47 -44.11 6.76 -2.13
C ALA C 47 -42.61 6.92 -2.39
N LEU C 48 -41.99 5.90 -2.97
CA LEU C 48 -40.57 5.93 -3.29
C LEU C 48 -40.27 7.03 -4.28
N ALA C 49 -41.10 7.08 -5.32
CA ALA C 49 -40.97 8.02 -6.41
C ALA C 49 -41.05 9.44 -5.90
N ASN C 50 -41.87 9.65 -4.88
CA ASN C 50 -41.99 10.98 -4.30
C ASN C 50 -40.82 11.29 -3.36
N LYS C 51 -40.33 10.29 -2.63
CA LYS C 51 -39.22 10.47 -1.70
C LYS C 51 -37.90 10.66 -2.42
N VAL C 52 -37.79 10.19 -3.66
CA VAL C 52 -36.52 10.31 -4.37
C VAL C 52 -36.61 11.16 -5.63
N GLY C 53 -37.77 11.76 -5.89
CA GLY C 53 -37.95 12.61 -7.05
C GLY C 53 -37.74 11.87 -8.36
N LEU C 54 -38.51 10.80 -8.56
CA LEU C 54 -38.39 9.99 -9.77
C LEU C 54 -39.76 9.70 -10.40
N SER C 55 -39.84 9.65 -11.73
CA SER C 55 -41.10 9.28 -12.35
C SER C 55 -41.37 7.81 -12.04
N GLN C 56 -42.63 7.42 -12.15
CA GLN C 56 -43.05 6.07 -11.82
C GLN C 56 -42.36 5.08 -12.75
N SER C 57 -42.32 5.41 -14.03
CA SER C 57 -41.66 4.59 -15.03
C SER C 57 -40.15 4.43 -14.77
N ALA C 58 -39.47 5.56 -14.56
CA ALA C 58 -38.05 5.58 -14.23
C ALA C 58 -37.74 4.68 -13.03
N LEU C 59 -38.48 4.92 -11.95
CA LEU C 59 -38.29 4.19 -10.72
C LEU C 59 -38.48 2.70 -10.94
N SER C 60 -39.53 2.33 -11.67
CA SER C 60 -39.79 0.91 -11.89
C SER C 60 -38.62 0.27 -12.67
N GLN C 61 -38.02 0.98 -13.63
CA GLN C 61 -36.88 0.41 -14.37
C GLN C 61 -35.70 0.12 -13.45
N HIS C 62 -35.40 1.11 -12.60
CA HIS C 62 -34.34 0.97 -11.58
C HIS C 62 -34.57 -0.23 -10.67
N LEU C 63 -35.81 -0.31 -10.18
CA LEU C 63 -36.20 -1.40 -9.31
C LEU C 63 -36.06 -2.72 -10.07
N SER C 64 -36.30 -2.70 -11.37
CA SER C 64 -36.19 -3.90 -12.18
C SER C 64 -34.74 -4.39 -12.15
N LYS C 65 -33.77 -3.48 -12.19
CA LYS C 65 -32.38 -3.99 -12.07
C LYS C 65 -32.02 -4.38 -10.61
N LEU C 66 -32.59 -3.72 -9.60
CA LEU C 66 -32.35 -4.17 -8.23
C LEU C 66 -32.91 -5.59 -7.95
N ARG C 67 -34.12 -5.81 -8.41
CA ARG C 67 -34.78 -7.09 -8.36
C ARG C 67 -34.00 -8.12 -9.21
N ALA C 68 -33.43 -7.65 -10.30
CA ALA C 68 -32.63 -8.52 -11.16
C ALA C 68 -31.44 -9.15 -10.42
N GLN C 69 -30.83 -8.41 -9.50
CA GLN C 69 -29.69 -8.94 -8.77
C GLN C 69 -30.06 -9.52 -7.42
N ASN C 70 -31.37 -9.66 -7.17
CA ASN C 70 -31.91 -10.20 -5.91
C ASN C 70 -31.51 -9.36 -4.72
N LEU C 71 -31.64 -8.04 -4.88
CA LEU C 71 -31.15 -7.12 -3.85
C LEU C 71 -32.30 -6.53 -3.04
N VAL C 72 -33.51 -6.85 -3.49
CA VAL C 72 -34.75 -6.43 -2.85
C VAL C 72 -35.79 -7.55 -2.85
N SER C 73 -36.70 -7.52 -1.88
CA SER C 73 -37.88 -8.39 -1.93
C SER C 73 -39.16 -7.58 -2.07
N THR C 74 -40.23 -8.27 -2.45
CA THR C 74 -41.49 -7.59 -2.76
C THR C 74 -42.65 -8.41 -2.27
N ARG C 75 -43.75 -7.75 -1.89
CA ARG C 75 -45.03 -8.44 -1.57
C ARG C 75 -46.21 -7.61 -2.08
N ARG C 76 -47.29 -8.27 -2.48
CA ARG C 76 -48.41 -7.53 -3.07
C ARG C 76 -49.66 -7.44 -2.18
N ASP C 77 -50.18 -6.23 -2.05
CA ASP C 77 -51.45 -5.96 -1.39
C ASP C 77 -52.44 -5.39 -2.41
N ALA C 78 -53.26 -6.31 -2.93
CA ALA C 78 -54.19 -6.03 -4.01
C ALA C 78 -53.48 -5.42 -5.21
N GLN C 79 -53.90 -4.21 -5.54
CA GLN C 79 -53.35 -3.46 -6.65
C GLN C 79 -51.91 -2.96 -6.35
N THR C 80 -51.62 -2.65 -5.09
CA THR C 80 -50.34 -2.04 -4.69
C THR C 80 -49.24 -3.07 -4.40
N ILE C 81 -48.00 -2.79 -4.81
CA ILE C 81 -46.85 -3.66 -4.48
C ILE C 81 -45.75 -2.99 -3.61
N TYR C 82 -45.38 -3.65 -2.51
CA TYR C 82 -44.40 -3.16 -1.53
C TYR C 82 -43.00 -3.74 -1.67
N TYR C 83 -42.05 -2.85 -1.90
CA TYR C 83 -40.63 -3.17 -1.96
C TYR C 83 -39.97 -3.02 -0.60
N SER C 84 -38.95 -3.85 -0.38
CA SER C 84 -38.06 -3.74 0.79
C SER C 84 -36.73 -4.38 0.45
N SER C 85 -35.77 -4.34 1.37
CA SER C 85 -34.58 -5.15 1.14
C SER C 85 -34.10 -5.87 2.39
N SER C 86 -33.80 -7.15 2.22
CA SER C 86 -33.19 -7.93 3.28
C SER C 86 -31.91 -8.64 2.79
N SER C 87 -31.49 -8.38 1.55
CA SER C 87 -30.19 -8.83 1.08
C SER C 87 -29.23 -7.95 1.85
N ASP C 88 -28.38 -8.52 2.71
CA ASP C 88 -27.52 -7.64 3.50
C ASP C 88 -26.13 -7.43 2.89
N SER C 89 -25.86 -8.07 1.76
CA SER C 89 -24.69 -7.68 0.97
C SER C 89 -24.76 -6.16 0.82
N VAL C 90 -25.99 -5.75 0.50
CA VAL C 90 -26.38 -4.36 0.38
C VAL C 90 -26.03 -3.51 1.61
N LYS C 92 -24.03 -4.18 3.96
CA LYS C 92 -22.57 -4.16 4.14
C LYS C 92 -21.89 -3.05 3.32
N ILE C 93 -22.35 -2.91 2.07
CA ILE C 93 -21.79 -1.82 1.25
C ILE C 93 -22.24 -0.46 1.79
N LEU C 94 -23.47 -0.37 2.26
CA LEU C 94 -23.92 0.86 2.92
C LEU C 94 -23.12 1.11 4.20
N GLY C 95 -22.77 0.04 4.91
CA GLY C 95 -21.95 0.18 6.09
C GLY C 95 -20.59 0.77 5.77
N ALA C 96 -19.92 0.19 4.78
CA ALA C 96 -18.63 0.66 4.32
C ALA C 96 -18.73 2.11 3.93
N LEU C 97 -19.76 2.43 3.17
CA LEU C 97 -19.97 3.79 2.68
C LEU C 97 -20.13 4.77 3.81
N SER C 98 -20.90 4.40 4.83
CA SER C 98 -21.10 5.27 5.96
C SER C 98 -19.78 5.53 6.68
N GLU C 99 -18.97 4.48 6.82
CA GLU C 99 -17.64 4.61 7.41
C GLU C 99 -16.78 5.59 6.64
N ILE C 100 -16.87 5.52 5.33
CA ILE C 100 -16.11 6.41 4.45
C ILE C 100 -16.57 7.87 4.58
N TYR C 101 -17.87 8.11 4.47
CA TYR C 101 -18.38 9.49 4.51
C TYR C 101 -19.01 9.80 5.87
N GLY C 102 -20.09 10.56 5.86
CA GLY C 102 -20.83 10.87 7.08
C GLY C 102 -22.30 10.47 7.01
N GLN D 6 -42.67 12.76 2.53
CA GLN D 6 -41.80 13.91 2.27
C GLN D 6 -40.46 13.52 1.59
N PRO D 7 -39.99 14.36 0.64
CA PRO D 7 -38.84 14.02 -0.23
C PRO D 7 -37.53 13.94 0.52
N LEU D 8 -36.50 13.34 -0.08
CA LEU D 8 -35.19 13.31 0.56
C LEU D 8 -34.51 14.66 0.31
N SER D 9 -33.75 15.13 1.29
CA SER D 9 -33.09 16.44 1.18
C SER D 9 -32.04 16.42 0.07
N PRO D 10 -31.88 17.55 -0.65
CA PRO D 10 -30.86 17.71 -1.70
C PRO D 10 -29.47 17.29 -1.23
N GLU D 11 -29.23 17.48 0.07
CA GLU D 11 -27.99 17.10 0.71
C GLU D 11 -27.70 15.59 0.60
N LYS D 12 -28.73 14.75 0.78
CA LYS D 12 -28.49 13.32 0.66
C LYS D 12 -28.51 12.88 -0.78
N HIS D 13 -29.00 13.78 -1.64
CA HIS D 13 -28.83 13.63 -3.08
C HIS D 13 -27.34 13.74 -3.37
N GLU D 14 -26.68 14.69 -2.70
CA GLU D 14 -25.26 14.90 -2.96
C GLU D 14 -24.39 13.81 -2.39
N GLU D 15 -24.72 13.33 -1.18
CA GLU D 15 -24.01 12.15 -0.70
C GLU D 15 -24.17 10.99 -1.65
N ALA D 16 -25.40 10.82 -2.16
CA ALA D 16 -25.70 9.73 -3.07
C ALA D 16 -24.90 9.81 -4.37
N GLU D 17 -24.82 10.98 -5.00
CA GLU D 17 -24.01 11.07 -6.21
C GLU D 17 -22.53 10.83 -5.93
N ILE D 18 -21.99 11.37 -4.84
CA ILE D 18 -20.54 11.22 -4.61
C ILE D 18 -20.15 9.75 -4.36
N ALA D 19 -20.90 9.09 -3.48
CA ALA D 19 -20.74 7.65 -3.27
C ALA D 19 -20.91 6.90 -4.58
N ALA D 20 -21.88 7.32 -5.38
CA ALA D 20 -22.21 6.60 -6.60
C ALA D 20 -21.09 6.68 -7.60
N GLY D 21 -20.46 7.85 -7.67
CA GLY D 21 -19.29 8.05 -8.52
C GLY D 21 -18.14 7.19 -8.07
N PHE D 22 -17.89 7.23 -6.76
CA PHE D 22 -16.92 6.35 -6.13
C PHE D 22 -17.11 4.89 -6.53
N LEU D 23 -18.34 4.41 -6.43
CA LEU D 23 -18.69 3.04 -6.77
C LEU D 23 -18.55 2.71 -8.27
N SER D 24 -19.05 3.59 -9.12
CA SER D 24 -18.87 3.43 -10.55
C SER D 24 -17.39 3.25 -10.89
N ALA D 25 -16.53 4.01 -10.21
CA ALA D 25 -15.11 3.89 -10.45
C ALA D 25 -14.61 2.46 -10.28
N ALA D 27 -16.89 -0.31 -10.34
CA ALA D 27 -17.97 -1.23 -10.68
C ALA D 27 -17.77 -1.79 -12.07
N ASN D 28 -16.62 -2.42 -12.27
CA ASN D 28 -16.22 -2.99 -13.55
C ASN D 28 -15.20 -4.08 -13.27
N PRO D 29 -15.44 -5.31 -13.79
CA PRO D 29 -14.65 -6.50 -13.48
C PRO D 29 -13.14 -6.27 -13.60
N LYS D 30 -12.72 -5.68 -14.71
CA LYS D 30 -11.30 -5.46 -14.93
C LYS D 30 -10.74 -4.50 -13.89
N ARG D 31 -11.49 -3.44 -13.56
CA ARG D 31 -11.03 -2.49 -12.55
C ARG D 31 -10.97 -3.11 -11.17
N LEU D 32 -11.81 -4.10 -10.89
CA LEU D 32 -11.69 -4.83 -9.64
C LEU D 32 -10.46 -5.73 -9.60
N LEU D 33 -10.19 -6.43 -10.70
CA LEU D 33 -8.97 -7.23 -10.78
C LEU D 33 -7.74 -6.34 -10.50
N ILE D 34 -7.73 -5.22 -11.22
CA ILE D 34 -6.71 -4.20 -11.11
C ILE D 34 -6.56 -3.73 -9.68
N LEU D 35 -7.69 -3.36 -9.08
CA LEU D 35 -7.59 -2.79 -7.76
C LEU D 35 -7.05 -3.78 -6.73
N ASP D 36 -7.52 -5.03 -6.71
CA ASP D 36 -6.97 -5.91 -5.65
C ASP D 36 -5.46 -6.11 -5.89
N SER D 37 -5.05 -6.34 -7.15
CA SER D 37 -3.60 -6.47 -7.36
C SER D 37 -2.79 -5.23 -6.91
N LEU D 38 -3.30 -4.01 -7.11
CA LEU D 38 -2.58 -2.79 -6.67
C LEU D 38 -2.68 -2.50 -5.16
N VAL D 39 -3.65 -3.10 -4.50
CA VAL D 39 -3.80 -2.95 -3.06
C VAL D 39 -2.78 -3.88 -2.44
N LYS D 40 -2.41 -4.92 -3.19
CA LYS D 40 -1.52 -5.93 -2.60
C LYS D 40 -0.12 -5.95 -3.21
N GLU D 41 0.12 -5.19 -4.26
CA GLU D 41 1.48 -5.02 -4.76
C GLU D 41 1.68 -3.91 -5.80
N GLU D 42 2.76 -3.17 -5.67
CA GLU D 42 3.17 -2.25 -6.73
C GLU D 42 3.42 -3.01 -7.99
N ALA D 44 4.29 -2.24 -12.44
CA ALA D 44 4.33 -1.61 -13.74
C ALA D 44 3.02 -1.72 -14.52
N VAL D 45 2.78 -0.75 -15.39
CA VAL D 45 1.51 -0.71 -16.09
C VAL D 45 1.40 -1.88 -17.07
N GLY D 46 2.49 -2.16 -17.77
CA GLY D 46 2.47 -3.20 -18.79
C GLY D 46 2.27 -4.56 -18.18
N ALA D 47 3.00 -4.76 -17.09
CA ALA D 47 2.89 -5.97 -16.31
C ALA D 47 1.44 -6.20 -15.89
N LEU D 48 0.80 -5.12 -15.48
CA LEU D 48 -0.58 -5.16 -15.01
C LEU D 48 -1.52 -5.54 -16.16
N ALA D 49 -1.32 -4.90 -17.29
CA ALA D 49 -2.14 -5.13 -18.46
C ALA D 49 -2.06 -6.60 -18.84
N ASN D 50 -0.90 -7.21 -18.63
CA ASN D 50 -0.84 -8.60 -18.96
C ASN D 50 -1.47 -9.43 -17.81
N LYS D 51 -1.55 -8.87 -16.60
CA LYS D 51 -2.14 -9.63 -15.49
C LYS D 51 -3.66 -9.72 -15.58
N VAL D 52 -4.28 -8.64 -16.04
CA VAL D 52 -5.74 -8.62 -16.13
C VAL D 52 -6.24 -8.82 -17.56
N GLY D 53 -5.35 -9.08 -18.51
CA GLY D 53 -5.74 -9.27 -19.90
C GLY D 53 -6.36 -8.05 -20.58
N LEU D 54 -5.60 -6.96 -20.65
CA LEU D 54 -6.05 -5.72 -21.31
C LEU D 54 -4.99 -5.19 -22.26
N SER D 55 -5.40 -4.62 -23.39
CA SER D 55 -4.43 -3.98 -24.28
C SER D 55 -3.88 -2.77 -23.53
N GLN D 56 -2.72 -2.27 -23.96
CA GLN D 56 -2.07 -1.21 -23.20
C GLN D 56 -2.95 0.01 -23.07
N SER D 57 -3.55 0.42 -24.18
CA SER D 57 -4.49 1.52 -24.14
C SER D 57 -5.74 1.27 -23.27
N ALA D 58 -6.34 0.09 -23.36
CA ALA D 58 -7.49 -0.25 -22.52
C ALA D 58 -7.16 0.03 -21.06
N LEU D 59 -6.06 -0.58 -20.63
CA LEU D 59 -5.63 -0.45 -19.25
C LEU D 59 -5.38 0.98 -18.90
N SER D 60 -4.72 1.71 -19.80
CA SER D 60 -4.35 3.09 -19.51
C SER D 60 -5.60 3.90 -19.21
N GLN D 61 -6.65 3.66 -19.98
CA GLN D 61 -7.93 4.36 -19.81
C GLN D 61 -8.59 4.01 -18.49
N HIS D 62 -8.59 2.73 -18.16
CA HIS D 62 -9.17 2.33 -16.88
C HIS D 62 -8.43 3.07 -15.75
N LEU D 63 -7.11 3.09 -15.84
CA LEU D 63 -6.30 3.75 -14.82
C LEU D 63 -6.64 5.23 -14.69
N SER D 64 -6.94 5.85 -15.82
CA SER D 64 -7.32 7.24 -15.80
C SER D 64 -8.66 7.39 -15.06
N LYS D 65 -9.59 6.44 -15.23
CA LYS D 65 -10.87 6.58 -14.52
C LYS D 65 -10.62 6.38 -13.03
N LEU D 66 -9.65 5.54 -12.69
CA LEU D 66 -9.29 5.32 -11.29
C LEU D 66 -8.65 6.52 -10.61
N ARG D 67 -7.73 7.15 -11.32
CA ARG D 67 -7.10 8.37 -10.84
C ARG D 67 -8.10 9.46 -10.64
N ALA D 68 -9.10 9.48 -11.51
CA ALA D 68 -10.15 10.49 -11.46
C ALA D 68 -10.80 10.52 -10.07
N GLN D 69 -10.89 9.35 -9.46
CA GLN D 69 -11.55 9.22 -8.17
C GLN D 69 -10.57 9.22 -6.97
N ASN D 70 -9.31 9.50 -7.25
CA ASN D 70 -8.29 9.56 -6.21
C ASN D 70 -8.11 8.19 -5.53
N LEU D 71 -8.10 7.14 -6.34
CA LEU D 71 -8.07 5.79 -5.82
C LEU D 71 -6.74 5.07 -5.89
N VAL D 72 -5.77 5.67 -6.58
CA VAL D 72 -4.46 5.05 -6.72
C VAL D 72 -3.36 6.07 -6.60
N SER D 73 -2.19 5.61 -6.17
CA SER D 73 -0.99 6.41 -6.23
C SER D 73 -0.04 5.80 -7.26
N THR D 74 1.00 6.56 -7.65
CA THR D 74 1.90 6.15 -8.71
C THR D 74 3.29 6.64 -8.39
N ARG D 75 4.32 5.96 -8.94
CA ARG D 75 5.72 6.43 -8.86
C ARG D 75 6.52 6.14 -10.15
N ARG D 76 7.50 6.98 -10.49
CA ARG D 76 8.20 6.86 -11.79
C ARG D 76 9.62 6.37 -11.68
N ASP D 77 9.97 5.34 -12.44
CA ASP D 77 11.37 4.87 -12.50
C ASP D 77 11.87 4.87 -13.95
N ALA D 78 12.59 5.93 -14.31
CA ALA D 78 12.96 6.20 -15.69
C ALA D 78 11.71 6.24 -16.58
N GLN D 79 11.64 5.37 -17.58
CA GLN D 79 10.44 5.26 -18.42
C GLN D 79 9.27 4.54 -17.76
N THR D 80 9.52 3.60 -16.85
CA THR D 80 8.38 2.80 -16.40
C THR D 80 7.63 3.49 -15.23
N ILE D 81 6.32 3.29 -15.19
CA ILE D 81 5.46 3.78 -14.10
C ILE D 81 4.82 2.70 -13.24
N TYR D 82 4.99 2.82 -11.93
CA TYR D 82 4.46 1.84 -11.01
C TYR D 82 3.20 2.34 -10.33
N TYR D 83 2.12 1.63 -10.55
CA TYR D 83 0.89 1.93 -9.85
C TYR D 83 0.75 1.14 -8.54
N SER D 84 0.08 1.76 -7.59
CA SER D 84 -0.28 1.08 -6.38
C SER D 84 -1.58 1.70 -5.85
N SER D 85 -2.18 1.11 -4.83
CA SER D 85 -3.31 1.75 -4.17
C SER D 85 -3.18 1.71 -2.66
N SER D 86 -3.43 2.86 -2.03
CA SER D 86 -3.48 2.94 -0.57
C SER D 86 -4.77 3.64 -0.12
N SER D 87 -5.77 3.70 -1.00
CA SER D 87 -7.04 4.33 -0.63
C SER D 87 -7.83 3.54 0.36
N ASP D 88 -8.10 4.17 1.49
CA ASP D 88 -8.82 3.51 2.55
C ASP D 88 -10.21 3.11 2.06
N SER D 89 -10.90 4.03 1.38
CA SER D 89 -12.16 3.70 0.74
C SER D 89 -12.07 2.45 -0.12
N VAL D 90 -11.07 2.37 -1.00
CA VAL D 90 -10.91 1.19 -1.83
C VAL D 90 -10.93 -0.11 -1.05
N LYS D 92 -11.79 -0.71 1.96
CA LYS D 92 -13.00 -0.95 2.76
C LYS D 92 -14.01 -1.68 1.91
N ILE D 93 -14.12 -1.27 0.66
CA ILE D 93 -15.03 -2.01 -0.22
C ILE D 93 -14.53 -3.41 -0.51
N LEU D 94 -13.22 -3.57 -0.66
CA LEU D 94 -12.69 -4.92 -0.82
C LEU D 94 -12.92 -5.83 0.39
N GLY D 95 -12.84 -5.24 1.58
CA GLY D 95 -13.13 -5.96 2.81
C GLY D 95 -14.56 -6.45 2.78
N ALA D 96 -15.46 -5.53 2.43
CA ALA D 96 -16.88 -5.86 2.28
C ALA D 96 -17.11 -7.02 1.30
N LEU D 97 -16.50 -6.95 0.14
CA LEU D 97 -16.67 -8.01 -0.84
C LEU D 97 -16.19 -9.37 -0.36
N SER D 98 -14.99 -9.42 0.23
CA SER D 98 -14.49 -10.71 0.68
C SER D 98 -15.41 -11.27 1.78
N GLU D 99 -15.89 -10.39 2.67
CA GLU D 99 -16.86 -10.81 3.69
C GLU D 99 -18.12 -11.41 3.08
N ILE D 100 -18.58 -10.80 2.00
CA ILE D 100 -19.73 -11.28 1.26
C ILE D 100 -19.49 -12.64 0.60
N TYR D 101 -18.42 -12.78 -0.17
CA TYR D 101 -18.16 -14.01 -0.90
C TYR D 101 -17.14 -14.91 -0.19
N GLY D 102 -16.13 -15.35 -0.94
CA GLY D 102 -15.05 -16.15 -0.37
C GLY D 102 -13.74 -15.39 -0.31
#